data_6W59
#
_entry.id   6W59
#
_cell.length_a   73.385
_cell.length_b   73.385
_cell.length_c   233.769
_cell.angle_alpha   90.000
_cell.angle_beta   90.000
_cell.angle_gamma   90.000
#
_symmetry.space_group_name_H-M   'P 43 21 2'
#
loop_
_entity.id
_entity.type
_entity.pdbx_description
1 polymer 'Malic enzyme'
2 non-polymer '4-(2-HYDROXYETHYL)-1-PIPERAZINE ETHANESULFONIC ACID'
3 non-polymer 3,5-bis(fluoranyl)-~{N}-[3-[[4-(trifluoromethyloxy)phenyl]sulfamoyl]phenyl]benzamide
4 water water
#
_entity_poly.entity_id   1
_entity_poly.type   'polypeptide(L)'
_entity_poly.pdbx_seq_one_letter_code
;QGRAILTDRYINRGTAFTMEERQKLHILGRLPPVVETLEEQVARVYGQVKKYEKPINRYQHLVSVHSTNTTLYYATILAH
LEEMLPIIYTPTVGEACMEYSHLFFRERGVYFNRLYKGQFRNIMRDAGYQKVEVVVITDGSRILGLGDLGSNGIGISIGK
CSLYVAGAGIDPRLIVPVILDVGTNNERYLQDKDYLGMREKRLGDEEFYELLDEFMEAASAEWPNAVIQFEDFSNNHCFD
IMERYQKKYRCFNDDIQGTGAVIAAGFLNAIKLSGVSPLQQRIVVFGAGSAAVGVANNIAALAARMYKFPVQDLVKTFYL
VDTKGLVTTTRGDQLAAHKKLLARTDVSAEDSAKLRTLEEIVRFVKPTTLLGLGGVGPAFTEEIVKMVMQNTERPIIFPL
SNPTSKAEVTPENAYKWTNGAAIVASGSPFPPTTIGGKTFKPSQGNNLYVFPGVGLGCALAQPTHIPEELLLTASESLNL
LTTEGDLREGRLYPPLEDIHNISANVATDVILEAQRMKIDNNKKLPRTRDELLAFVKKAMWKPVYSGEVGEQVL
;
_entity_poly.pdbx_strand_id   A
#
# COMPACT_ATOMS: atom_id res chain seq x y z
N ALA A 4 34.58 14.07 2.96
CA ALA A 4 33.49 15.05 3.37
C ALA A 4 32.27 14.95 2.43
N ILE A 5 32.50 15.16 1.13
CA ILE A 5 31.60 14.84 -0.04
C ILE A 5 31.19 13.35 0.06
N LEU A 6 32.18 12.50 0.31
CA LEU A 6 32.03 11.03 0.34
C LEU A 6 31.15 10.62 1.53
N THR A 7 31.29 11.30 2.67
CA THR A 7 30.60 10.99 3.96
C THR A 7 29.19 11.58 3.98
N ASP A 8 28.76 12.25 2.92
CA ASP A 8 27.39 12.82 2.82
C ASP A 8 26.59 11.98 1.81
N ARG A 9 25.63 11.18 2.28
CA ARG A 9 25.03 10.13 1.43
C ARG A 9 24.21 10.74 0.30
N TYR A 10 23.77 12.00 0.46
CA TYR A 10 22.94 12.71 -0.54
C TYR A 10 23.80 13.16 -1.73
N ILE A 11 25.08 13.49 -1.58
CA ILE A 11 25.89 14.01 -2.72
C ILE A 11 26.97 13.00 -3.11
N ASN A 12 27.30 12.03 -2.27
CA ASN A 12 28.29 10.97 -2.59
C ASN A 12 27.88 10.24 -3.88
N ARG A 13 28.82 10.12 -4.81
CA ARG A 13 28.62 9.39 -6.10
C ARG A 13 29.55 8.18 -6.16
N GLY A 14 30.37 8.00 -5.14
CA GLY A 14 31.40 6.95 -5.14
C GLY A 14 32.18 6.92 -6.45
N THR A 15 32.29 5.73 -7.04
CA THR A 15 33.10 5.46 -8.25
C THR A 15 32.56 6.22 -9.48
N ALA A 16 31.38 6.84 -9.39
CA ALA A 16 30.80 7.61 -10.52
C ALA A 16 31.45 8.99 -10.56
N PHE A 17 32.22 9.40 -9.56
CA PHE A 17 33.06 10.63 -9.65
C PHE A 17 34.13 10.39 -10.71
N THR A 18 34.19 11.22 -11.76
CA THR A 18 35.22 11.05 -12.82
C THR A 18 36.61 11.33 -12.20
N MET A 19 37.66 10.90 -12.88
CA MET A 19 39.06 11.23 -12.45
C MET A 19 39.19 12.74 -12.24
N GLU A 20 38.69 13.57 -13.16
CA GLU A 20 38.81 15.06 -13.08
C GLU A 20 38.05 15.57 -11.88
N GLU A 21 36.85 15.03 -11.63
CA GLU A 21 36.07 15.41 -10.42
C GLU A 21 36.87 15.05 -9.16
N ARG A 22 37.50 13.87 -9.14
CA ARG A 22 38.24 13.39 -7.93
C ARG A 22 39.39 14.36 -7.61
N GLN A 23 40.12 14.89 -8.61
CA GLN A 23 41.23 15.88 -8.40
C GLN A 23 40.61 17.18 -7.91
N LYS A 24 39.65 17.73 -8.63
CA LYS A 24 38.99 19.00 -8.25
C LYS A 24 38.44 18.92 -6.81
N LEU A 25 37.77 17.82 -6.41
CA LEU A 25 37.15 17.71 -5.07
C LEU A 25 38.16 17.22 -4.01
N HIS A 26 39.41 16.97 -4.41
CA HIS A 26 40.51 16.55 -3.52
C HIS A 26 40.16 15.17 -2.91
N ILE A 27 39.63 14.23 -3.70
CA ILE A 27 39.28 12.87 -3.20
C ILE A 27 39.99 11.81 -4.05
N LEU A 28 40.98 12.18 -4.84
CA LEU A 28 41.78 11.20 -5.60
C LEU A 28 42.48 10.34 -4.55
N GLY A 29 42.41 9.04 -4.73
CA GLY A 29 43.05 8.14 -3.74
C GLY A 29 42.16 7.85 -2.55
N ARG A 30 40.90 8.30 -2.56
CA ARG A 30 39.94 7.94 -1.48
C ARG A 30 39.01 6.84 -2.01
N LEU A 31 39.09 6.56 -3.32
CA LEU A 31 38.30 5.56 -4.07
C LEU A 31 39.24 4.64 -4.84
N PRO A 32 38.81 3.39 -5.13
CA PRO A 32 39.54 2.54 -6.07
C PRO A 32 39.46 3.22 -7.43
N PRO A 33 40.39 2.96 -8.37
CA PRO A 33 40.52 3.80 -9.56
C PRO A 33 39.47 3.70 -10.70
N VAL A 34 38.74 2.62 -10.80
CA VAL A 34 37.67 2.42 -11.82
C VAL A 34 36.65 3.58 -11.70
N VAL A 35 36.20 4.09 -12.84
CA VAL A 35 35.08 5.08 -12.87
C VAL A 35 33.89 4.37 -13.49
N GLU A 36 32.74 4.38 -12.79
CA GLU A 36 31.49 3.75 -13.27
C GLU A 36 30.44 4.82 -13.52
N THR A 37 29.53 4.56 -14.46
CA THR A 37 28.25 5.27 -14.57
C THR A 37 27.29 4.77 -13.48
N LEU A 38 26.23 5.51 -13.18
CA LEU A 38 25.19 5.07 -12.23
C LEU A 38 24.66 3.72 -12.65
N GLU A 39 24.42 3.49 -13.96
CA GLU A 39 23.85 2.22 -14.48
C GLU A 39 24.77 1.06 -14.06
N GLU A 40 26.07 1.27 -14.20
CA GLU A 40 27.11 0.25 -13.88
C GLU A 40 27.11 0.01 -12.37
N GLN A 41 26.99 1.08 -11.57
CA GLN A 41 26.95 0.97 -10.10
C GLN A 41 25.73 0.14 -9.71
N VAL A 42 24.62 0.33 -10.40
CA VAL A 42 23.34 -0.39 -10.08
C VAL A 42 23.53 -1.89 -10.34
N ALA A 43 24.12 -2.26 -11.47
CA ALA A 43 24.31 -3.68 -11.85
C ALA A 43 25.22 -4.31 -10.80
N ARG A 44 26.17 -3.54 -10.30
CA ARG A 44 27.18 -4.04 -9.33
C ARG A 44 26.48 -4.28 -7.99
N VAL A 45 25.74 -3.29 -7.52
CA VAL A 45 24.95 -3.36 -6.25
C VAL A 45 23.99 -4.54 -6.40
N TYR A 46 23.29 -4.65 -7.52
CA TYR A 46 22.36 -5.79 -7.78
C TYR A 46 23.09 -7.13 -7.61
N GLY A 47 24.32 -7.29 -8.13
CA GLY A 47 25.13 -8.50 -7.90
C GLY A 47 25.47 -8.70 -6.43
N GLN A 48 25.87 -7.65 -5.72
CA GLN A 48 26.19 -7.70 -4.27
C GLN A 48 24.94 -8.21 -3.52
N VAL A 49 23.73 -7.81 -3.91
CA VAL A 49 22.45 -8.19 -3.24
C VAL A 49 22.21 -9.68 -3.44
N LYS A 50 22.37 -10.19 -4.67
CA LYS A 50 21.99 -11.59 -5.04
C LYS A 50 23.03 -12.59 -4.53
N LYS A 51 24.20 -12.09 -4.12
CA LYS A 51 25.26 -12.87 -3.45
C LYS A 51 24.71 -13.40 -2.12
N TYR A 52 23.83 -12.63 -1.47
CA TYR A 52 23.14 -13.03 -0.21
C TYR A 52 21.90 -13.85 -0.59
N GLU A 53 21.61 -14.81 0.27
CA GLU A 53 20.66 -15.95 0.09
C GLU A 53 19.31 -15.59 0.75
N LYS A 54 19.35 -15.11 1.98
CA LYS A 54 18.14 -14.87 2.78
C LYS A 54 17.68 -13.42 2.58
N PRO A 55 16.36 -13.19 2.41
CA PRO A 55 15.84 -11.83 2.32
C PRO A 55 16.45 -10.87 3.35
N ILE A 56 16.58 -11.27 4.62
CA ILE A 56 17.05 -10.35 5.69
C ILE A 56 18.48 -9.89 5.41
N ASN A 57 19.35 -10.78 4.91
CA ASN A 57 20.75 -10.39 4.60
C ASN A 57 20.78 -9.47 3.37
N ARG A 58 19.89 -9.67 2.39
CA ARG A 58 19.73 -8.72 1.27
C ARG A 58 19.29 -7.36 1.79
N TYR A 59 18.34 -7.30 2.73
CA TYR A 59 17.84 -6.00 3.25
C TYR A 59 19.00 -5.28 3.92
N GLN A 60 19.78 -6.04 4.70
CA GLN A 60 20.93 -5.53 5.48
C GLN A 60 21.93 -4.84 4.53
N HIS A 61 22.32 -5.51 3.45
CA HIS A 61 23.19 -4.94 2.39
C HIS A 61 22.57 -3.66 1.82
N LEU A 62 21.29 -3.66 1.50
CA LEU A 62 20.62 -2.46 0.92
C LEU A 62 20.65 -1.29 1.92
N VAL A 63 20.53 -1.57 3.22
CA VAL A 63 20.50 -0.52 4.29
C VAL A 63 21.86 0.14 4.26
N SER A 64 22.93 -0.65 4.11
CA SER A 64 24.30 -0.09 4.01
C SER A 64 24.43 0.78 2.74
N VAL A 65 23.86 0.38 1.60
CA VAL A 65 23.89 1.22 0.37
C VAL A 65 23.19 2.55 0.67
N HIS A 66 21.99 2.50 1.25
CA HIS A 66 21.17 3.70 1.58
C HIS A 66 21.99 4.63 2.48
N SER A 67 22.72 4.08 3.46
CA SER A 67 23.59 4.87 4.36
C SER A 67 24.74 5.54 3.63
N THR A 68 25.22 5.01 2.53
CA THR A 68 26.49 5.49 1.92
C THR A 68 26.24 6.32 0.67
N ASN A 69 25.33 5.84 -0.20
CA ASN A 69 25.00 6.53 -1.48
C ASN A 69 23.50 6.40 -1.77
N THR A 70 22.73 7.41 -1.36
CA THR A 70 21.24 7.44 -1.38
C THR A 70 20.76 7.39 -2.82
N THR A 71 21.44 8.14 -3.70
CA THR A 71 21.08 8.18 -5.14
C THR A 71 21.20 6.75 -5.68
N LEU A 72 22.30 6.06 -5.36
CA LEU A 72 22.56 4.69 -5.89
C LEU A 72 21.55 3.72 -5.27
N TYR A 73 21.22 3.88 -4.01
CA TYR A 73 20.17 3.03 -3.38
C TYR A 73 18.86 3.10 -4.21
N TYR A 74 18.29 4.30 -4.37
CA TYR A 74 16.99 4.49 -5.05
C TYR A 74 17.10 4.06 -6.51
N ALA A 75 18.25 4.28 -7.16
CA ALA A 75 18.47 3.87 -8.57
C ALA A 75 18.38 2.35 -8.67
N THR A 76 18.93 1.61 -7.71
CA THR A 76 18.92 0.13 -7.70
C THR A 76 17.49 -0.38 -7.47
N ILE A 77 16.75 0.21 -6.52
CA ILE A 77 15.33 -0.18 -6.23
C ILE A 77 14.53 0.00 -7.53
N LEU A 78 14.60 1.17 -8.15
CA LEU A 78 13.82 1.50 -9.39
C LEU A 78 14.15 0.55 -10.53
N ALA A 79 15.39 0.09 -10.65
CA ALA A 79 15.83 -0.78 -11.76
C ALA A 79 15.37 -2.21 -11.55
N HIS A 80 15.14 -2.63 -10.29
CA HIS A 80 14.77 -4.00 -9.89
C HIS A 80 13.52 -4.00 -8.98
N LEU A 81 12.52 -3.19 -9.30
CA LEU A 81 11.47 -2.84 -8.30
C LEU A 81 10.66 -4.09 -7.89
N GLU A 82 10.16 -4.88 -8.84
CA GLU A 82 9.28 -6.04 -8.53
C GLU A 82 10.05 -6.99 -7.59
N GLU A 83 11.35 -7.15 -7.82
CA GLU A 83 12.19 -8.13 -7.07
C GLU A 83 12.58 -7.53 -5.71
N MET A 84 12.92 -6.24 -5.64
CA MET A 84 13.32 -5.59 -4.35
C MET A 84 12.11 -5.42 -3.42
N LEU A 85 10.89 -5.31 -3.96
CA LEU A 85 9.74 -4.82 -3.12
C LEU A 85 9.56 -5.68 -1.87
N PRO A 86 9.57 -7.04 -2.00
CA PRO A 86 9.39 -7.93 -0.85
C PRO A 86 10.55 -7.98 0.17
N ILE A 87 11.69 -7.38 -0.21
CA ILE A 87 12.90 -7.25 0.63
C ILE A 87 12.84 -5.92 1.39
N ILE A 88 12.41 -4.83 0.76
CA ILE A 88 12.50 -3.47 1.39
C ILE A 88 11.19 -3.13 2.10
N TYR A 89 10.14 -3.92 1.92
CA TYR A 89 8.88 -3.79 2.70
C TYR A 89 8.32 -5.20 2.94
N THR A 90 7.02 -5.34 2.98
CA THR A 90 6.33 -6.59 3.42
C THR A 90 6.80 -7.74 2.54
N PRO A 91 7.24 -8.90 3.07
CA PRO A 91 7.26 -9.20 4.50
C PRO A 91 8.62 -9.13 5.19
N THR A 92 9.70 -8.85 4.47
CA THR A 92 11.04 -8.81 5.08
C THR A 92 11.12 -7.71 6.14
N VAL A 93 10.53 -6.54 5.89
CA VAL A 93 10.76 -5.36 6.77
C VAL A 93 10.25 -5.69 8.18
N GLY A 94 9.15 -6.43 8.30
CA GLY A 94 8.53 -6.81 9.59
C GLY A 94 9.44 -7.75 10.37
N GLU A 95 10.06 -8.71 9.68
CA GLU A 95 11.08 -9.61 10.28
C GLU A 95 12.29 -8.78 10.70
N ALA A 96 12.71 -7.78 9.92
CA ALA A 96 13.82 -6.87 10.30
C ALA A 96 13.44 -6.11 11.58
N CYS A 97 12.20 -5.60 11.68
CA CYS A 97 11.74 -4.89 12.90
C CYS A 97 11.77 -5.86 14.09
N MET A 98 11.27 -7.09 13.90
CA MET A 98 11.00 -8.04 15.00
C MET A 98 12.34 -8.51 15.59
N GLU A 99 13.37 -8.79 14.77
CA GLU A 99 14.58 -9.54 15.24
C GLU A 99 15.88 -8.84 14.86
N TYR A 100 15.83 -7.75 14.10
CA TYR A 100 17.06 -7.09 13.61
C TYR A 100 16.84 -5.58 13.65
N SER A 101 16.18 -5.09 14.70
CA SER A 101 15.75 -3.68 14.84
C SER A 101 16.95 -2.74 14.79
N HIS A 102 18.18 -3.22 15.06
CA HIS A 102 19.44 -2.44 14.95
C HIS A 102 19.65 -1.92 13.51
N LEU A 103 19.01 -2.54 12.52
CA LEU A 103 19.12 -2.12 11.09
C LEU A 103 18.50 -0.73 10.87
N PHE A 104 17.76 -0.20 11.83
CA PHE A 104 17.03 1.11 11.74
C PHE A 104 17.65 2.19 12.62
N PHE A 105 18.63 1.83 13.45
CA PHE A 105 19.24 2.74 14.44
C PHE A 105 19.79 4.00 13.73
N ARG A 106 20.43 3.84 12.59
CA ARG A 106 21.17 4.96 11.97
C ARG A 106 20.21 5.87 11.16
N GLU A 107 18.97 5.44 10.97
CA GLU A 107 18.00 6.15 10.08
C GLU A 107 17.44 7.40 10.79
N ARG A 108 17.10 8.41 10.01
CA ARG A 108 16.38 9.59 10.49
C ARG A 108 15.01 9.06 10.87
N GLY A 109 14.50 9.53 11.99
CA GLY A 109 13.29 8.99 12.62
C GLY A 109 12.96 9.79 13.85
N VAL A 110 11.69 9.85 14.18
CA VAL A 110 11.24 10.65 15.35
C VAL A 110 10.42 9.72 16.22
N TYR A 111 10.82 9.64 17.49
CA TYR A 111 10.24 8.78 18.55
C TYR A 111 9.44 9.66 19.52
N PHE A 112 8.15 9.38 19.66
CA PHE A 112 7.24 9.98 20.67
C PHE A 112 6.79 8.91 21.66
N ASN A 113 6.52 9.35 22.89
CA ASN A 113 5.99 8.52 23.99
C ASN A 113 5.40 9.46 25.06
N ARG A 114 4.72 8.90 26.04
CA ARG A 114 4.06 9.69 27.14
C ARG A 114 5.09 10.48 27.94
N LEU A 115 6.35 10.06 27.97
CA LEU A 115 7.39 10.76 28.78
C LEU A 115 7.60 12.14 28.17
N TYR A 116 7.29 12.31 26.89
CA TYR A 116 7.54 13.58 26.19
C TYR A 116 6.24 14.32 26.00
N LYS A 117 5.19 13.97 26.75
CA LYS A 117 3.88 14.66 26.69
C LYS A 117 4.09 16.17 26.84
N GLY A 118 3.51 16.98 25.97
CA GLY A 118 3.62 18.45 25.95
C GLY A 118 4.85 18.95 25.20
N GLN A 119 5.78 18.08 24.83
CA GLN A 119 7.05 18.51 24.14
C GLN A 119 7.03 18.09 22.65
N PHE A 120 5.93 17.51 22.14
CA PHE A 120 5.92 16.94 20.75
C PHE A 120 6.36 18.01 19.76
N ARG A 121 5.79 19.21 19.84
CA ARG A 121 6.10 20.33 18.93
C ARG A 121 7.58 20.72 19.05
N ASN A 122 8.14 20.80 20.27
CA ASN A 122 9.58 21.11 20.46
C ASN A 122 10.45 20.05 19.77
N ILE A 123 10.07 18.79 19.87
CA ILE A 123 10.85 17.65 19.31
C ILE A 123 10.85 17.76 17.79
N MET A 124 9.71 18.10 17.21
CA MET A 124 9.55 18.31 15.74
C MET A 124 10.41 19.49 15.31
N ARG A 125 10.26 20.64 15.96
CA ARG A 125 11.07 21.86 15.66
C ARG A 125 12.54 21.45 15.68
N ASP A 126 12.94 20.69 16.70
CA ASP A 126 14.37 20.38 16.94
C ASP A 126 14.91 19.48 15.82
N ALA A 127 14.10 18.62 15.22
CA ALA A 127 14.53 17.76 14.08
C ALA A 127 14.97 18.66 12.91
N GLY A 128 14.55 19.92 12.89
CA GLY A 128 15.01 20.88 11.88
C GLY A 128 14.82 20.33 10.47
N TYR A 129 13.59 19.96 10.13
CA TYR A 129 13.30 19.58 8.73
C TYR A 129 12.85 20.83 7.99
N GLN A 130 13.00 20.86 6.67
CA GLN A 130 12.48 22.02 5.90
C GLN A 130 11.01 21.73 5.60
N LYS A 131 10.55 21.99 4.38
CA LYS A 131 9.12 21.83 4.00
C LYS A 131 8.79 20.32 3.87
N VAL A 132 8.64 19.63 4.99
CA VAL A 132 8.28 18.19 5.02
C VAL A 132 6.99 17.97 4.23
N GLU A 133 6.95 16.92 3.40
CA GLU A 133 5.83 16.66 2.47
C GLU A 133 5.06 15.42 2.94
N VAL A 134 5.75 14.43 3.49
CA VAL A 134 5.12 13.15 3.91
C VAL A 134 5.67 12.74 5.29
N VAL A 135 4.77 12.35 6.19
CA VAL A 135 5.05 11.79 7.53
C VAL A 135 4.30 10.44 7.63
N VAL A 136 5.03 9.34 7.75
CA VAL A 136 4.41 8.02 8.02
C VAL A 136 4.51 7.74 9.52
N ILE A 137 3.37 7.41 10.16
CA ILE A 137 3.32 7.17 11.62
C ILE A 137 2.73 5.78 11.83
N THR A 138 3.30 4.99 12.76
CA THR A 138 2.71 3.73 13.25
C THR A 138 2.86 3.71 14.77
N ASP A 139 2.16 2.81 15.45
CA ASP A 139 2.40 2.56 16.90
C ASP A 139 2.95 1.14 17.09
N GLY A 140 3.23 0.43 15.98
CA GLY A 140 3.74 -0.94 15.92
C GLY A 140 2.70 -1.96 16.35
N SER A 141 1.41 -1.61 16.38
CA SER A 141 0.33 -2.55 16.83
C SER A 141 0.02 -3.63 15.81
N ARG A 142 0.18 -3.37 14.50
CA ARG A 142 0.02 -4.26 13.32
C ARG A 142 -1.44 -4.27 12.88
N ILE A 143 -1.71 -3.93 11.61
CA ILE A 143 -3.07 -4.02 11.00
C ILE A 143 -3.61 -5.46 11.16
N LEU A 144 -2.78 -6.48 10.90
CA LEU A 144 -3.19 -7.91 10.85
C LEU A 144 -3.15 -8.50 12.28
N GLY A 145 -2.70 -7.71 13.26
CA GLY A 145 -2.68 -8.04 14.69
C GLY A 145 -1.67 -9.11 15.05
N LEU A 146 -0.64 -9.34 14.21
CA LEU A 146 0.39 -10.40 14.40
C LEU A 146 1.75 -9.73 14.67
N GLY A 147 2.42 -10.09 15.75
CA GLY A 147 3.76 -9.56 16.04
C GLY A 147 3.73 -8.08 16.38
N ASP A 148 3.04 -7.69 17.44
CA ASP A 148 3.29 -6.40 18.13
C ASP A 148 4.80 -6.09 18.12
N LEU A 149 5.18 -4.95 17.55
CA LEU A 149 6.61 -4.55 17.41
C LEU A 149 6.93 -3.42 18.38
N GLY A 150 5.92 -2.82 18.98
CA GLY A 150 6.15 -1.66 19.85
C GLY A 150 7.01 -0.61 19.16
N SER A 151 8.01 -0.10 19.86
CA SER A 151 9.02 0.88 19.37
C SER A 151 9.64 0.43 18.03
N ASN A 152 9.83 -0.89 17.83
CA ASN A 152 10.56 -1.45 16.68
C ASN A 152 9.69 -1.22 15.43
N GLY A 153 8.43 -0.80 15.62
CA GLY A 153 7.54 -0.30 14.55
C GLY A 153 8.15 0.84 13.74
N ILE A 154 9.11 1.58 14.28
CA ILE A 154 9.83 2.64 13.50
C ILE A 154 10.33 2.09 12.15
N GLY A 155 10.67 0.79 12.07
CA GLY A 155 11.20 0.17 10.84
C GLY A 155 10.19 0.17 9.70
N ILE A 156 8.93 -0.07 10.03
CA ILE A 156 7.74 0.04 9.13
C ILE A 156 7.63 1.46 8.60
N SER A 157 7.62 2.48 9.46
CA SER A 157 7.54 3.89 9.00
C SER A 157 8.75 4.17 8.08
N ILE A 158 9.94 3.72 8.46
CA ILE A 158 11.17 3.94 7.62
C ILE A 158 10.97 3.27 6.25
N GLY A 159 10.55 2.00 6.21
CA GLY A 159 10.38 1.32 4.93
C GLY A 159 9.29 1.95 4.08
N LYS A 160 8.15 2.36 4.69
CA LYS A 160 7.03 2.96 3.93
C LYS A 160 7.47 4.30 3.33
N CYS A 161 8.21 5.10 4.10
CA CYS A 161 8.76 6.42 3.64
C CYS A 161 9.65 6.21 2.40
N SER A 162 10.51 5.18 2.39
CA SER A 162 11.38 4.87 1.23
C SER A 162 10.48 4.54 0.01
N LEU A 163 9.29 3.96 0.19
CA LEU A 163 8.42 3.66 -0.98
C LEU A 163 7.80 4.93 -1.58
N TYR A 164 7.48 5.95 -0.78
CA TYR A 164 7.09 7.27 -1.32
C TYR A 164 8.23 7.85 -2.18
N VAL A 165 9.47 7.78 -1.71
CA VAL A 165 10.65 8.35 -2.44
C VAL A 165 10.83 7.59 -3.76
N ALA A 166 10.83 6.26 -3.72
CA ALA A 166 11.08 5.43 -4.94
C ALA A 166 9.88 5.54 -5.91
N GLY A 167 8.65 5.49 -5.38
CA GLY A 167 7.41 5.40 -6.15
C GLY A 167 6.98 6.74 -6.76
N ALA A 168 7.10 7.85 -6.03
CA ALA A 168 6.55 9.15 -6.45
C ALA A 168 7.61 10.26 -6.41
N GLY A 169 8.88 9.96 -6.19
CA GLY A 169 9.94 10.99 -6.18
C GLY A 169 9.61 12.07 -5.17
N ILE A 170 9.03 11.69 -4.03
CA ILE A 170 9.17 12.53 -2.81
C ILE A 170 10.66 12.65 -2.52
N ASP A 171 11.16 13.87 -2.35
CA ASP A 171 12.59 14.13 -2.10
C ASP A 171 12.91 13.45 -0.77
N PRO A 172 13.98 12.64 -0.66
CA PRO A 172 14.24 11.90 0.57
C PRO A 172 14.51 12.78 1.80
N ARG A 173 14.86 14.05 1.61
CA ARG A 173 15.05 15.01 2.71
C ARG A 173 13.69 15.50 3.23
N LEU A 174 12.58 15.27 2.51
CA LEU A 174 11.28 15.92 2.81
C LEU A 174 10.30 14.88 3.31
N ILE A 175 10.80 13.78 3.84
CA ILE A 175 9.92 12.69 4.37
C ILE A 175 10.42 12.26 5.75
N VAL A 176 9.50 11.96 6.67
CA VAL A 176 9.82 11.74 8.09
C VAL A 176 9.13 10.47 8.58
N PRO A 177 9.91 9.48 9.07
CA PRO A 177 9.30 8.32 9.70
C PRO A 177 9.13 8.52 11.21
N VAL A 178 8.00 8.05 11.76
CA VAL A 178 7.59 8.35 13.16
C VAL A 178 7.10 7.05 13.79
N ILE A 179 7.53 6.80 15.03
CA ILE A 179 6.91 5.79 15.93
C ILE A 179 6.26 6.56 17.08
N LEU A 180 4.96 6.33 17.28
CA LEU A 180 4.28 6.74 18.51
C LEU A 180 4.29 5.51 19.40
N ASP A 181 5.28 5.43 20.31
CA ASP A 181 5.40 4.32 21.28
C ASP A 181 4.38 4.55 22.40
N VAL A 182 3.28 3.79 22.37
CA VAL A 182 2.28 3.83 23.45
C VAL A 182 2.32 2.52 24.21
N GLY A 183 3.51 1.92 24.28
CA GLY A 183 3.70 0.60 24.91
C GLY A 183 3.59 -0.55 23.93
N THR A 184 3.67 -1.77 24.45
CA THR A 184 3.64 -3.00 23.63
C THR A 184 3.06 -4.14 24.47
N ASN A 185 2.32 -5.03 23.83
CA ASN A 185 1.73 -6.21 24.50
C ASN A 185 2.56 -7.40 24.07
N ASN A 186 3.71 -7.18 23.43
CA ASN A 186 4.68 -8.24 23.03
C ASN A 186 5.38 -8.69 24.31
N GLU A 187 5.05 -9.89 24.80
CA GLU A 187 5.55 -10.45 26.09
C GLU A 187 7.07 -10.66 26.02
N ARG A 188 7.60 -11.13 24.89
CA ARG A 188 9.07 -11.29 24.74
C ARG A 188 9.76 -9.94 24.99
N TYR A 189 9.29 -8.90 24.32
CA TYR A 189 9.86 -7.53 24.38
C TYR A 189 9.76 -6.98 25.82
N LEU A 190 8.63 -7.22 26.50
CA LEU A 190 8.42 -6.67 27.85
C LEU A 190 9.48 -7.23 28.81
N GLN A 191 10.00 -8.44 28.54
CA GLN A 191 11.01 -9.14 29.37
C GLN A 191 12.41 -9.03 28.72
N ASP A 192 12.54 -8.44 27.54
CA ASP A 192 13.83 -8.38 26.80
C ASP A 192 14.73 -7.25 27.36
N LYS A 193 15.94 -7.59 27.81
CA LYS A 193 16.83 -6.55 28.40
C LYS A 193 17.30 -5.59 27.32
N ASP A 194 17.19 -5.97 26.05
CA ASP A 194 17.67 -5.15 24.91
C ASP A 194 16.54 -4.38 24.21
N TYR A 195 15.29 -4.53 24.63
CA TYR A 195 14.19 -3.66 24.16
C TYR A 195 14.45 -2.26 24.67
N LEU A 196 14.41 -1.28 23.75
CA LEU A 196 14.79 0.13 24.02
C LEU A 196 13.56 1.02 24.09
N GLY A 197 12.36 0.45 23.98
CA GLY A 197 11.11 1.22 23.96
C GLY A 197 10.47 1.31 25.33
N MET A 198 9.24 1.82 25.38
CA MET A 198 8.47 1.92 26.65
C MET A 198 8.11 0.49 27.09
N ARG A 199 8.60 0.07 28.25
CA ARG A 199 8.43 -1.30 28.76
C ARG A 199 7.16 -1.32 29.61
N GLU A 200 6.03 -1.30 28.94
CA GLU A 200 4.71 -1.36 29.57
C GLU A 200 3.71 -1.77 28.50
N LYS A 201 2.61 -2.34 28.97
CA LYS A 201 1.45 -2.73 28.15
C LYS A 201 0.88 -1.47 27.49
N ARG A 202 0.24 -1.62 26.32
CA ARG A 202 -0.33 -0.53 25.52
C ARG A 202 -1.28 0.27 26.39
N LEU A 203 -1.24 1.58 26.22
CA LEU A 203 -2.08 2.54 26.95
C LEU A 203 -3.53 2.32 26.55
N GLY A 204 -4.47 2.64 27.46
CA GLY A 204 -5.91 2.70 27.13
C GLY A 204 -6.21 3.79 26.14
N ASP A 205 -7.42 3.77 25.60
CA ASP A 205 -7.87 4.68 24.51
C ASP A 205 -7.72 6.14 24.94
N GLU A 206 -8.10 6.49 26.15
CA GLU A 206 -8.14 7.92 26.54
C GLU A 206 -6.72 8.48 26.45
N GLU A 207 -5.75 7.77 26.99
CA GLU A 207 -4.34 8.26 26.98
C GLU A 207 -3.78 8.13 25.55
N PHE A 208 -4.13 7.08 24.81
CA PHE A 208 -3.72 6.85 23.40
C PHE A 208 -4.06 8.10 22.57
N TYR A 209 -5.32 8.54 22.67
CA TYR A 209 -5.87 9.67 21.89
C TYR A 209 -5.30 10.99 22.42
N GLU A 210 -4.96 11.11 23.70
CA GLU A 210 -4.31 12.36 24.20
C GLU A 210 -2.98 12.57 23.48
N LEU A 211 -2.19 11.52 23.34
CA LEU A 211 -0.82 11.60 22.74
C LEU A 211 -0.96 11.74 21.21
N LEU A 212 -1.87 11.02 20.58
CA LEU A 212 -2.02 11.07 19.10
C LEU A 212 -2.64 12.42 18.70
N ASP A 213 -3.55 12.98 19.49
CA ASP A 213 -4.07 14.36 19.29
C ASP A 213 -2.90 15.34 19.32
N GLU A 214 -2.04 15.22 20.33
CA GLU A 214 -0.91 16.16 20.48
C GLU A 214 0.00 16.02 19.25
N PHE A 215 0.23 14.78 18.82
CA PHE A 215 1.01 14.48 17.59
C PHE A 215 0.38 15.19 16.38
N MET A 216 -0.92 15.02 16.16
CA MET A 216 -1.61 15.58 14.98
C MET A 216 -1.53 17.11 15.01
N GLU A 217 -1.66 17.74 16.19
CA GLU A 217 -1.69 19.22 16.33
C GLU A 217 -0.29 19.80 16.15
N ALA A 218 0.70 19.17 16.76
CA ALA A 218 2.12 19.55 16.65
C ALA A 218 2.53 19.50 15.19
N ALA A 219 2.27 18.37 14.50
CA ALA A 219 2.61 18.19 13.07
C ALA A 219 1.93 19.26 12.18
N SER A 220 0.66 19.59 12.43
CA SER A 220 -0.07 20.58 11.59
C SER A 220 0.53 21.98 11.77
N ALA A 221 1.09 22.31 12.93
CA ALA A 221 1.77 23.59 13.19
C ALA A 221 3.21 23.55 12.66
N GLU A 222 3.97 22.51 12.99
CA GLU A 222 5.42 22.53 12.67
C GLU A 222 5.67 22.01 11.26
N TRP A 223 4.84 21.11 10.76
CA TRP A 223 4.98 20.51 9.40
C TRP A 223 3.69 20.72 8.61
N PRO A 224 3.30 21.99 8.36
CA PRO A 224 1.96 22.29 7.85
C PRO A 224 1.73 21.82 6.42
N ASN A 225 2.79 21.55 5.66
CA ASN A 225 2.70 21.12 4.24
C ASN A 225 2.57 19.60 4.17
N ALA A 226 2.63 18.87 5.28
CA ALA A 226 2.83 17.39 5.25
C ALA A 226 1.49 16.72 5.04
N VAL A 227 1.52 15.58 4.35
CA VAL A 227 0.45 14.54 4.43
C VAL A 227 0.83 13.58 5.58
N ILE A 228 -0.13 13.32 6.48
CA ILE A 228 0.10 12.41 7.62
C ILE A 228 -0.49 11.07 7.19
N GLN A 229 0.34 10.07 6.97
CA GLN A 229 -0.18 8.73 6.60
C GLN A 229 -0.05 7.75 7.77
N PHE A 230 -1.18 7.20 8.22
CA PHE A 230 -1.25 6.13 9.25
C PHE A 230 -0.96 4.78 8.64
N GLU A 231 0.01 4.07 9.23
CA GLU A 231 0.48 2.76 8.72
C GLU A 231 0.41 1.75 9.88
N ASP A 232 -0.21 0.61 9.64
CA ASP A 232 0.00 -0.63 10.44
C ASP A 232 -0.54 -0.37 11.85
N PHE A 233 -1.62 0.37 11.96
CA PHE A 233 -2.41 0.46 13.20
C PHE A 233 -3.40 -0.71 13.25
N SER A 234 -3.57 -1.27 14.43
CA SER A 234 -4.54 -2.36 14.71
C SER A 234 -5.98 -1.89 14.49
N ASN A 235 -6.85 -2.85 14.24
CA ASN A 235 -8.28 -2.68 13.88
C ASN A 235 -9.06 -2.00 14.98
N ASN A 236 -8.68 -2.14 16.26
CA ASN A 236 -9.36 -1.43 17.38
C ASN A 236 -9.19 0.08 17.22
N HIS A 237 -8.19 0.56 16.46
CA HIS A 237 -7.93 2.02 16.40
C HIS A 237 -7.97 2.59 14.99
N CYS A 238 -7.61 1.83 13.95
CA CYS A 238 -7.26 2.44 12.63
C CYS A 238 -8.47 3.18 12.03
N PHE A 239 -9.66 2.57 12.09
CA PHE A 239 -10.95 3.10 11.55
C PHE A 239 -11.33 4.33 12.37
N ASP A 240 -11.24 4.23 13.69
CA ASP A 240 -11.61 5.31 14.64
C ASP A 240 -10.68 6.50 14.46
N ILE A 241 -9.38 6.24 14.18
CA ILE A 241 -8.40 7.33 13.92
C ILE A 241 -8.87 8.15 12.70
N MET A 242 -9.27 7.47 11.63
CA MET A 242 -9.67 8.20 10.37
C MET A 242 -10.92 9.01 10.67
N GLU A 243 -11.88 8.42 11.38
CA GLU A 243 -13.12 9.14 11.79
C GLU A 243 -12.71 10.38 12.59
N ARG A 244 -11.73 10.28 13.50
CA ARG A 244 -11.38 11.39 14.42
C ARG A 244 -10.70 12.53 13.67
N TYR A 245 -9.90 12.23 12.63
CA TYR A 245 -8.97 13.21 12.03
C TYR A 245 -9.27 13.53 10.56
N GLN A 246 -10.10 12.78 9.85
CA GLN A 246 -10.08 12.89 8.36
C GLN A 246 -10.40 14.32 7.90
N LYS A 247 -11.35 15.01 8.55
CA LYS A 247 -11.78 16.38 8.17
C LYS A 247 -10.83 17.44 8.73
N LYS A 248 -10.24 17.26 9.92
CA LYS A 248 -9.45 18.36 10.58
C LYS A 248 -8.01 18.40 10.08
N TYR A 249 -7.44 17.29 9.56
CA TYR A 249 -5.99 17.22 9.21
C TYR A 249 -5.82 16.58 7.86
N ARG A 250 -4.66 16.81 7.26
CA ARG A 250 -4.31 16.25 5.95
C ARG A 250 -3.78 14.84 6.18
N CYS A 251 -4.67 13.84 6.20
CA CYS A 251 -4.27 12.47 6.61
C CYS A 251 -5.06 11.39 5.89
N PHE A 252 -4.43 10.22 5.74
CA PHE A 252 -5.09 9.01 5.23
C PHE A 252 -4.41 7.77 5.81
N ASN A 253 -5.08 6.62 5.67
CA ASN A 253 -4.60 5.30 6.11
C ASN A 253 -4.50 4.40 4.88
N ASP A 254 -3.27 3.98 4.51
CA ASP A 254 -3.03 3.23 3.28
C ASP A 254 -3.63 1.82 3.35
N ASP A 255 -3.53 1.13 4.48
CA ASP A 255 -4.08 -0.23 4.70
C ASP A 255 -5.59 -0.23 4.38
N ILE A 256 -6.33 0.75 4.86
CA ILE A 256 -7.80 0.86 4.61
C ILE A 256 -8.04 1.45 3.20
N GLN A 257 -7.66 2.71 3.03
CA GLN A 257 -8.06 3.54 1.84
C GLN A 257 -7.24 3.17 0.62
N GLY A 258 -5.92 3.00 0.76
CA GLY A 258 -5.05 2.58 -0.35
C GLY A 258 -5.47 1.22 -0.93
N THR A 259 -5.62 0.23 -0.08
CA THR A 259 -5.92 -1.17 -0.49
C THR A 259 -7.19 -1.17 -1.35
N GLY A 260 -8.23 -0.51 -0.92
CA GLY A 260 -9.54 -0.49 -1.59
C GLY A 260 -9.47 0.25 -2.91
N ALA A 261 -8.69 1.34 -3.00
CA ALA A 261 -8.46 2.06 -4.26
C ALA A 261 -7.79 1.10 -5.26
N VAL A 262 -6.78 0.36 -4.83
CA VAL A 262 -5.99 -0.51 -5.76
C VAL A 262 -6.85 -1.68 -6.22
N ILE A 263 -7.55 -2.32 -5.28
CA ILE A 263 -8.34 -3.54 -5.61
C ILE A 263 -9.49 -3.15 -6.54
N ALA A 264 -10.20 -2.05 -6.25
CA ALA A 264 -11.32 -1.55 -7.09
C ALA A 264 -10.83 -1.34 -8.53
N ALA A 265 -9.72 -0.62 -8.73
CA ALA A 265 -9.16 -0.33 -10.07
C ALA A 265 -8.89 -1.65 -10.79
N GLY A 266 -8.24 -2.59 -10.14
CA GLY A 266 -7.97 -3.88 -10.78
C GLY A 266 -9.26 -4.64 -11.06
N PHE A 267 -10.17 -4.69 -10.10
CA PHE A 267 -11.43 -5.47 -10.24
C PHE A 267 -12.22 -4.96 -11.46
N LEU A 268 -12.34 -3.63 -11.62
CA LEU A 268 -13.08 -3.03 -12.78
C LEU A 268 -12.42 -3.43 -14.10
N ASN A 269 -11.10 -3.50 -14.17
CA ASN A 269 -10.41 -3.98 -15.40
C ASN A 269 -10.68 -5.47 -15.57
N ALA A 270 -10.72 -6.26 -14.50
CA ALA A 270 -11.13 -7.70 -14.59
C ALA A 270 -12.54 -7.81 -15.19
N ILE A 271 -13.47 -6.94 -14.78
CA ILE A 271 -14.86 -6.95 -15.29
C ILE A 271 -14.83 -6.68 -16.80
N LYS A 272 -14.01 -5.73 -17.24
CA LYS A 272 -13.92 -5.39 -18.66
C LYS A 272 -13.44 -6.61 -19.40
N LEU A 273 -12.42 -7.30 -18.92
CA LEU A 273 -11.90 -8.46 -19.69
C LEU A 273 -12.94 -9.57 -19.69
N SER A 274 -13.81 -9.64 -18.68
CA SER A 274 -14.70 -10.82 -18.49
C SER A 274 -15.80 -10.82 -19.56
N GLY A 275 -16.09 -9.68 -20.19
CA GLY A 275 -17.33 -9.47 -20.99
C GLY A 275 -18.59 -9.30 -20.12
N VAL A 276 -18.70 -10.07 -19.02
CA VAL A 276 -19.77 -10.01 -17.97
C VAL A 276 -19.67 -8.65 -17.27
N SER A 277 -20.45 -7.67 -17.75
CA SER A 277 -20.52 -6.25 -17.33
C SER A 277 -20.93 -6.10 -15.86
N PRO A 278 -20.66 -4.93 -15.24
CA PRO A 278 -20.78 -4.81 -13.79
C PRO A 278 -22.16 -5.18 -13.22
N LEU A 279 -23.28 -4.82 -13.88
CA LEU A 279 -24.62 -5.14 -13.33
C LEU A 279 -24.93 -6.64 -13.54
N GLN A 280 -24.17 -7.34 -14.38
CA GLN A 280 -24.33 -8.81 -14.61
C GLN A 280 -23.42 -9.60 -13.66
N GLN A 281 -22.53 -8.95 -12.90
CA GLN A 281 -21.58 -9.70 -12.05
C GLN A 281 -22.37 -10.17 -10.82
N ARG A 282 -22.09 -11.40 -10.37
CA ARG A 282 -22.52 -11.90 -9.05
C ARG A 282 -21.28 -12.23 -8.24
N ILE A 283 -21.01 -11.41 -7.22
CA ILE A 283 -19.69 -11.38 -6.56
C ILE A 283 -19.82 -11.95 -5.16
N VAL A 284 -19.14 -13.07 -4.89
CA VAL A 284 -18.93 -13.58 -3.50
C VAL A 284 -17.76 -12.83 -2.87
N VAL A 285 -18.07 -12.13 -1.78
CA VAL A 285 -17.08 -11.48 -0.92
C VAL A 285 -16.85 -12.44 0.24
N PHE A 286 -15.82 -13.27 0.11
CA PHE A 286 -15.37 -14.23 1.14
C PHE A 286 -14.53 -13.49 2.18
N GLY A 287 -15.18 -13.14 3.27
CA GLY A 287 -14.60 -12.40 4.39
C GLY A 287 -15.46 -11.19 4.60
N ALA A 288 -15.70 -10.78 5.85
CA ALA A 288 -16.70 -9.74 6.18
C ALA A 288 -16.25 -8.81 7.28
N GLY A 289 -14.95 -8.69 7.50
CA GLY A 289 -14.39 -7.62 8.35
C GLY A 289 -14.69 -6.24 7.79
N SER A 290 -14.42 -5.20 8.56
CA SER A 290 -14.57 -3.78 8.10
C SER A 290 -13.76 -3.57 6.83
N ALA A 291 -12.56 -4.14 6.74
CA ALA A 291 -11.65 -3.94 5.60
C ALA A 291 -12.31 -4.52 4.34
N ALA A 292 -12.82 -5.74 4.43
CA ALA A 292 -13.38 -6.48 3.27
C ALA A 292 -14.59 -5.71 2.75
N VAL A 293 -15.44 -5.28 3.68
CA VAL A 293 -16.64 -4.48 3.34
C VAL A 293 -16.19 -3.16 2.69
N GLY A 294 -15.21 -2.46 3.27
CA GLY A 294 -14.59 -1.24 2.70
C GLY A 294 -14.19 -1.41 1.22
N VAL A 295 -13.58 -2.54 0.86
CA VAL A 295 -13.11 -2.83 -0.52
C VAL A 295 -14.36 -2.98 -1.40
N ALA A 296 -15.36 -3.72 -0.94
CA ALA A 296 -16.61 -3.91 -1.73
C ALA A 296 -17.27 -2.54 -1.99
N ASN A 297 -17.38 -1.72 -0.97
CA ASN A 297 -17.93 -0.36 -1.09
C ASN A 297 -17.05 0.46 -2.04
N ASN A 298 -15.74 0.24 -2.07
CA ASN A 298 -14.86 1.04 -2.96
C ASN A 298 -15.09 0.60 -4.40
N ILE A 299 -15.31 -0.70 -4.65
CA ILE A 299 -15.65 -1.23 -5.99
C ILE A 299 -16.96 -0.59 -6.47
N ALA A 300 -18.00 -0.60 -5.63
CA ALA A 300 -19.30 0.02 -5.94
C ALA A 300 -19.12 1.51 -6.25
N ALA A 301 -18.48 2.27 -5.37
CA ALA A 301 -18.26 3.73 -5.59
C ALA A 301 -17.51 3.97 -6.93
N LEU A 302 -16.58 3.09 -7.32
CA LEU A 302 -15.75 3.31 -8.53
C LEU A 302 -16.64 3.03 -9.76
N ALA A 303 -17.38 1.93 -9.74
CA ALA A 303 -18.25 1.54 -10.87
C ALA A 303 -19.31 2.64 -11.02
N ALA A 304 -19.82 3.16 -9.92
CA ALA A 304 -20.82 4.26 -9.99
C ALA A 304 -20.20 5.51 -10.65
N ARG A 305 -18.98 5.89 -10.28
CA ARG A 305 -18.27 7.04 -10.89
C ARG A 305 -18.01 6.77 -12.37
N MET A 306 -17.53 5.57 -12.74
CA MET A 306 -16.99 5.40 -14.10
C MET A 306 -18.15 5.23 -15.09
N TYR A 307 -19.26 4.64 -14.64
CA TYR A 307 -20.34 4.11 -15.49
C TYR A 307 -21.70 4.77 -15.16
N LYS A 308 -21.84 5.46 -14.05
CA LYS A 308 -23.11 6.11 -13.59
C LYS A 308 -24.22 5.08 -13.56
N PHE A 309 -23.96 3.80 -13.22
CA PHE A 309 -25.05 2.91 -12.65
C PHE A 309 -25.49 3.40 -11.28
N PRO A 310 -26.79 3.29 -10.91
CA PRO A 310 -27.20 3.60 -9.53
C PRO A 310 -26.37 2.74 -8.56
N VAL A 311 -25.80 3.34 -7.53
CA VAL A 311 -24.95 2.59 -6.57
C VAL A 311 -25.79 1.47 -5.93
N GLN A 312 -27.10 1.63 -5.73
CA GLN A 312 -27.95 0.61 -5.06
C GLN A 312 -27.90 -0.69 -5.87
N ASP A 313 -27.95 -0.57 -7.19
CA ASP A 313 -27.92 -1.72 -8.13
C ASP A 313 -26.54 -2.37 -8.06
N LEU A 314 -25.46 -1.59 -7.89
CA LEU A 314 -24.11 -2.18 -7.79
C LEU A 314 -24.01 -2.95 -6.46
N VAL A 315 -24.56 -2.41 -5.38
CA VAL A 315 -24.48 -3.04 -4.04
C VAL A 315 -25.16 -4.41 -4.12
N LYS A 316 -26.19 -4.54 -4.94
CA LYS A 316 -26.95 -5.81 -5.02
C LYS A 316 -26.19 -6.81 -5.89
N THR A 317 -24.99 -6.52 -6.41
CA THR A 317 -24.16 -7.54 -7.08
C THR A 317 -23.35 -8.32 -6.03
N PHE A 318 -23.33 -7.88 -4.77
CA PHE A 318 -22.41 -8.42 -3.74
C PHE A 318 -23.14 -9.42 -2.84
N TYR A 319 -22.51 -10.58 -2.61
CA TYR A 319 -22.92 -11.63 -1.67
C TYR A 319 -21.83 -11.77 -0.62
N LEU A 320 -22.05 -11.17 0.55
CA LEU A 320 -21.04 -11.11 1.63
C LEU A 320 -21.05 -12.44 2.42
N VAL A 321 -19.90 -13.08 2.59
CA VAL A 321 -19.81 -14.31 3.42
C VAL A 321 -18.92 -14.03 4.62
N ASP A 322 -19.50 -14.13 5.81
CA ASP A 322 -18.80 -14.08 7.14
C ASP A 322 -18.65 -15.52 7.66
N THR A 323 -18.12 -15.73 8.86
CA THR A 323 -17.82 -17.10 9.41
C THR A 323 -19.14 -17.89 9.62
N LYS A 324 -20.30 -17.24 9.79
CA LYS A 324 -21.61 -17.93 9.93
C LYS A 324 -22.13 -18.41 8.56
N GLY A 325 -21.79 -17.70 7.48
CA GLY A 325 -22.30 -18.03 6.13
C GLY A 325 -22.64 -16.78 5.35
N LEU A 326 -23.62 -16.90 4.44
CA LEU A 326 -24.07 -15.77 3.60
C LEU A 326 -24.72 -14.76 4.55
N VAL A 327 -24.32 -13.50 4.50
CA VAL A 327 -24.95 -12.38 5.30
C VAL A 327 -26.28 -12.04 4.64
N THR A 328 -27.38 -12.29 5.34
CA THR A 328 -28.77 -12.08 4.85
C THR A 328 -29.56 -11.39 5.96
N THR A 329 -30.71 -10.82 5.62
CA THR A 329 -31.63 -10.16 6.60
C THR A 329 -32.54 -11.22 7.26
N THR A 330 -32.58 -12.44 6.73
CA THR A 330 -33.52 -13.51 7.18
C THR A 330 -32.79 -14.59 8.00
N ARG A 331 -31.52 -14.36 8.33
CA ARG A 331 -30.60 -15.35 8.96
C ARG A 331 -30.95 -15.50 10.45
N GLY A 332 -31.46 -14.43 11.10
CA GLY A 332 -31.96 -14.44 12.48
C GLY A 332 -30.95 -13.96 13.50
N ASP A 333 -29.75 -13.55 13.07
CA ASP A 333 -28.69 -13.03 13.98
C ASP A 333 -28.76 -11.50 13.90
N GLN A 334 -28.15 -10.80 14.85
CA GLN A 334 -28.01 -9.33 14.88
C GLN A 334 -26.71 -8.98 14.15
N LEU A 335 -26.82 -8.33 13.00
CA LEU A 335 -25.65 -8.04 12.15
C LEU A 335 -24.90 -6.82 12.69
N ALA A 336 -23.58 -6.91 12.81
CA ALA A 336 -22.67 -5.75 12.92
C ALA A 336 -23.07 -4.70 11.89
N ALA A 337 -22.97 -3.41 12.25
CA ALA A 337 -23.37 -2.28 11.39
C ALA A 337 -22.77 -2.45 9.96
N HIS A 338 -21.50 -2.78 9.89
CA HIS A 338 -20.76 -2.78 8.61
C HIS A 338 -21.26 -3.91 7.69
N LYS A 339 -21.89 -4.94 8.25
CA LYS A 339 -22.40 -6.08 7.43
C LYS A 339 -23.80 -5.77 6.88
N LYS A 340 -24.53 -4.81 7.45
CA LYS A 340 -25.99 -4.62 7.14
C LYS A 340 -26.16 -4.14 5.70
N LEU A 341 -25.25 -3.29 5.24
CA LEU A 341 -25.33 -2.65 3.91
C LEU A 341 -25.35 -3.72 2.81
N LEU A 342 -24.51 -4.76 2.95
CA LEU A 342 -24.27 -5.75 1.87
C LEU A 342 -25.14 -7.00 2.11
N ALA A 343 -26.02 -6.96 3.10
CA ALA A 343 -26.89 -8.10 3.49
C ALA A 343 -27.92 -8.31 2.39
N ARG A 344 -28.04 -9.56 1.91
CA ARG A 344 -29.14 -9.97 1.01
C ARG A 344 -30.48 -9.68 1.73
N THR A 345 -31.44 -9.15 0.98
CA THR A 345 -32.85 -8.90 1.33
C THR A 345 -33.71 -9.90 0.56
N ASP A 346 -33.10 -10.60 -0.38
CA ASP A 346 -33.79 -11.42 -1.42
C ASP A 346 -33.56 -12.92 -1.13
N VAL A 347 -33.18 -13.27 0.09
CA VAL A 347 -32.95 -14.70 0.44
C VAL A 347 -33.77 -15.03 1.70
N SER A 348 -34.55 -16.11 1.64
CA SER A 348 -35.52 -16.56 2.68
C SER A 348 -34.75 -17.06 3.89
N ALA A 349 -35.38 -17.05 5.07
CA ALA A 349 -34.84 -17.66 6.33
C ALA A 349 -34.42 -19.11 6.05
N GLU A 350 -35.24 -19.87 5.31
CA GLU A 350 -35.07 -21.32 5.07
C GLU A 350 -33.84 -21.51 4.19
N ASP A 351 -33.68 -20.63 3.19
CA ASP A 351 -32.50 -20.72 2.29
C ASP A 351 -31.25 -20.30 3.07
N SER A 352 -31.33 -19.26 3.90
CA SER A 352 -30.22 -18.77 4.75
C SER A 352 -29.65 -19.87 5.64
N ALA A 353 -30.53 -20.73 6.20
CA ALA A 353 -30.16 -21.87 7.07
C ALA A 353 -29.29 -22.87 6.30
N LYS A 354 -29.50 -23.01 5.00
CA LYS A 354 -28.78 -23.98 4.11
C LYS A 354 -27.65 -23.24 3.37
N LEU A 355 -27.24 -22.06 3.83
CA LEU A 355 -26.18 -21.28 3.14
C LEU A 355 -25.09 -20.91 4.13
N ARG A 356 -24.38 -21.94 4.59
CA ARG A 356 -23.39 -21.84 5.68
C ARG A 356 -21.99 -22.14 5.13
N THR A 357 -21.78 -23.20 4.33
CA THR A 357 -20.45 -23.52 3.78
C THR A 357 -20.23 -22.75 2.47
N LEU A 358 -18.98 -22.40 2.18
CA LEU A 358 -18.69 -21.66 0.92
C LEU A 358 -19.16 -22.49 -0.28
N GLU A 359 -18.93 -23.81 -0.26
CA GLU A 359 -19.35 -24.74 -1.35
C GLU A 359 -20.85 -24.56 -1.61
N GLU A 360 -21.70 -24.63 -0.58
CA GLU A 360 -23.16 -24.62 -0.84
C GLU A 360 -23.58 -23.19 -1.23
N ILE A 361 -22.95 -22.18 -0.66
CA ILE A 361 -23.23 -20.74 -1.01
C ILE A 361 -22.92 -20.53 -2.49
N VAL A 362 -21.74 -20.95 -2.93
CA VAL A 362 -21.37 -20.84 -4.37
C VAL A 362 -22.43 -21.58 -5.21
N ARG A 363 -22.80 -22.80 -4.83
CA ARG A 363 -23.78 -23.58 -5.65
C ARG A 363 -25.08 -22.79 -5.79
N PHE A 364 -25.56 -22.17 -4.70
CA PHE A 364 -26.83 -21.40 -4.69
C PHE A 364 -26.68 -20.06 -5.44
N VAL A 365 -25.63 -19.28 -5.16
CA VAL A 365 -25.50 -17.87 -5.65
C VAL A 365 -25.15 -17.88 -7.14
N LYS A 366 -24.43 -18.89 -7.60
CA LYS A 366 -23.89 -18.96 -8.98
C LYS A 366 -23.10 -17.68 -9.24
N PRO A 367 -22.03 -17.42 -8.49
CA PRO A 367 -21.22 -16.22 -8.69
C PRO A 367 -20.41 -16.31 -9.99
N THR A 368 -20.04 -15.15 -10.51
CA THR A 368 -19.13 -14.96 -11.66
C THR A 368 -17.76 -14.47 -11.16
N THR A 369 -17.70 -13.96 -9.92
CA THR A 369 -16.48 -13.48 -9.23
C THR A 369 -16.37 -14.11 -7.84
N LEU A 370 -15.15 -14.51 -7.45
CA LEU A 370 -14.80 -14.77 -6.02
C LEU A 370 -13.73 -13.77 -5.55
N LEU A 371 -14.08 -12.92 -4.59
CA LEU A 371 -13.13 -12.02 -3.90
C LEU A 371 -12.68 -12.67 -2.58
N GLY A 372 -11.38 -12.99 -2.49
CA GLY A 372 -10.76 -13.62 -1.30
C GLY A 372 -10.20 -12.57 -0.35
N LEU A 373 -10.96 -12.22 0.70
CA LEU A 373 -10.55 -11.25 1.74
C LEU A 373 -10.76 -11.89 3.13
N GLY A 374 -10.56 -13.20 3.20
CA GLY A 374 -11.09 -14.07 4.27
C GLY A 374 -10.07 -14.32 5.36
N GLY A 375 -8.77 -14.33 5.03
CA GLY A 375 -7.64 -14.63 5.95
C GLY A 375 -7.75 -15.96 6.70
N VAL A 376 -8.23 -17.05 6.05
CA VAL A 376 -8.48 -18.38 6.67
C VAL A 376 -7.95 -19.50 5.75
N GLY A 377 -6.86 -19.27 5.01
CA GLY A 377 -6.26 -20.27 4.10
C GLY A 377 -7.03 -20.45 2.78
N PRO A 378 -6.84 -21.62 2.08
CA PRO A 378 -7.35 -21.84 0.72
C PRO A 378 -8.78 -22.40 0.61
N ALA A 379 -9.80 -21.53 0.76
CA ALA A 379 -11.22 -21.89 0.72
C ALA A 379 -11.73 -21.95 -0.74
N PHE A 380 -11.00 -21.42 -1.72
CA PHE A 380 -11.43 -21.48 -3.15
C PHE A 380 -10.95 -22.80 -3.76
N THR A 381 -11.69 -23.86 -3.46
CA THR A 381 -11.30 -25.26 -3.80
C THR A 381 -11.48 -25.45 -5.30
N GLU A 382 -10.92 -26.52 -5.83
CA GLU A 382 -11.13 -26.91 -7.24
C GLU A 382 -12.64 -27.03 -7.53
N GLU A 383 -13.40 -27.64 -6.62
CA GLU A 383 -14.87 -27.86 -6.79
C GLU A 383 -15.56 -26.49 -6.94
N ILE A 384 -15.20 -25.56 -6.08
CA ILE A 384 -15.77 -24.17 -6.09
C ILE A 384 -15.40 -23.46 -7.41
N VAL A 385 -14.14 -23.56 -7.85
CA VAL A 385 -13.68 -22.92 -9.12
C VAL A 385 -14.43 -23.57 -10.29
N LYS A 386 -14.65 -24.90 -10.27
CA LYS A 386 -15.40 -25.60 -11.36
C LYS A 386 -16.83 -25.08 -11.39
N MET A 387 -17.43 -24.82 -10.23
CA MET A 387 -18.81 -24.29 -10.21
C MET A 387 -18.86 -22.87 -10.83
N VAL A 388 -17.86 -22.02 -10.59
CA VAL A 388 -17.89 -20.63 -11.15
C VAL A 388 -17.79 -20.69 -12.68
N MET A 389 -17.04 -21.65 -13.22
CA MET A 389 -16.95 -21.97 -14.68
C MET A 389 -18.33 -22.26 -15.29
N GLN A 390 -19.30 -22.76 -14.51
CA GLN A 390 -20.69 -22.99 -15.01
C GLN A 390 -21.40 -21.65 -15.24
N ASN A 391 -20.95 -20.56 -14.60
CA ASN A 391 -21.70 -19.28 -14.51
C ASN A 391 -21.12 -18.20 -15.43
N THR A 392 -19.91 -18.38 -15.92
CA THR A 392 -19.21 -17.38 -16.77
C THR A 392 -18.08 -18.11 -17.50
N GLU A 393 -17.75 -17.66 -18.70
CA GLU A 393 -16.58 -18.12 -19.48
C GLU A 393 -15.29 -17.54 -18.90
N ARG A 394 -15.35 -16.40 -18.21
CA ARG A 394 -14.15 -15.77 -17.59
C ARG A 394 -14.37 -15.54 -16.10
N PRO A 395 -14.14 -16.58 -15.26
CA PRO A 395 -14.24 -16.42 -13.80
C PRO A 395 -13.23 -15.38 -13.31
N ILE A 396 -13.71 -14.41 -12.53
CA ILE A 396 -12.78 -13.47 -11.84
C ILE A 396 -12.47 -14.06 -10.46
N ILE A 397 -11.19 -14.38 -10.22
CA ILE A 397 -10.74 -14.99 -8.94
C ILE A 397 -9.59 -14.15 -8.35
N PHE A 398 -9.87 -13.52 -7.22
CA PHE A 398 -8.96 -12.59 -6.51
C PHE A 398 -8.62 -13.12 -5.12
N PRO A 399 -7.60 -14.02 -4.99
CA PRO A 399 -7.12 -14.48 -3.68
C PRO A 399 -6.18 -13.45 -3.07
N LEU A 400 -6.73 -12.54 -2.25
CA LEU A 400 -5.99 -11.33 -1.80
C LEU A 400 -5.44 -11.47 -0.36
N SER A 401 -5.83 -12.51 0.38
CA SER A 401 -5.40 -12.73 1.79
C SER A 401 -3.88 -12.99 1.81
N ASN A 402 -3.17 -12.35 2.75
CA ASN A 402 -1.68 -12.35 2.91
C ASN A 402 -1.32 -13.03 4.23
N PRO A 403 -0.21 -13.79 4.31
CA PRO A 403 0.67 -14.06 3.18
C PRO A 403 0.20 -15.27 2.38
N THR A 404 1.01 -15.67 1.42
CA THR A 404 0.80 -16.74 0.40
C THR A 404 0.13 -17.98 1.01
N SER A 405 0.36 -18.29 2.28
CA SER A 405 -0.24 -19.46 2.97
C SER A 405 -1.72 -19.23 3.30
N LYS A 406 -2.12 -17.99 3.61
CA LYS A 406 -3.53 -17.62 3.94
C LYS A 406 -4.37 -17.39 2.66
N ALA A 407 -3.75 -17.41 1.47
CA ALA A 407 -4.36 -17.11 0.13
C ALA A 407 -5.48 -18.10 -0.16
N GLU A 408 -6.58 -17.64 -0.76
CA GLU A 408 -7.78 -18.48 -1.02
C GLU A 408 -7.48 -19.55 -2.08
N VAL A 409 -6.47 -19.31 -2.91
CA VAL A 409 -6.09 -20.21 -4.02
C VAL A 409 -4.81 -19.65 -4.68
N THR A 410 -3.99 -20.54 -5.22
CA THR A 410 -2.78 -20.18 -5.99
C THR A 410 -3.26 -19.75 -7.39
N PRO A 411 -2.73 -18.65 -7.96
CA PRO A 411 -2.99 -18.36 -9.37
C PRO A 411 -2.80 -19.58 -10.29
N GLU A 412 -1.74 -20.39 -10.07
CA GLU A 412 -1.45 -21.63 -10.86
C GLU A 412 -2.68 -22.54 -10.90
N ASN A 413 -3.19 -22.93 -9.73
CA ASN A 413 -4.44 -23.74 -9.60
C ASN A 413 -5.59 -23.03 -10.28
N ALA A 414 -5.76 -21.71 -10.09
CA ALA A 414 -6.89 -20.97 -10.71
C ALA A 414 -6.84 -21.12 -12.24
N TYR A 415 -5.67 -20.88 -12.82
CA TYR A 415 -5.41 -20.96 -14.27
C TYR A 415 -5.60 -22.42 -14.75
N LYS A 416 -4.98 -23.38 -14.04
CA LYS A 416 -5.06 -24.84 -14.33
C LYS A 416 -6.54 -25.27 -14.37
N TRP A 417 -7.28 -25.03 -13.28
CA TRP A 417 -8.67 -25.51 -13.09
C TRP A 417 -9.61 -24.89 -14.13
N THR A 418 -9.28 -23.71 -14.66
CA THR A 418 -10.12 -22.96 -15.64
C THR A 418 -9.54 -23.09 -17.03
N ASN A 419 -8.47 -23.88 -17.18
CA ASN A 419 -7.77 -24.06 -18.47
C ASN A 419 -7.41 -22.70 -19.07
N GLY A 420 -6.98 -21.74 -18.24
CA GLY A 420 -6.51 -20.42 -18.71
C GLY A 420 -7.59 -19.35 -18.72
N ALA A 421 -8.82 -19.64 -18.34
CA ALA A 421 -9.97 -18.70 -18.42
C ALA A 421 -10.02 -17.71 -17.24
N ALA A 422 -9.46 -18.07 -16.10
CA ALA A 422 -9.48 -17.26 -14.86
C ALA A 422 -8.77 -15.92 -15.09
N ILE A 423 -9.42 -14.84 -14.62
CA ILE A 423 -8.82 -13.49 -14.48
C ILE A 423 -8.44 -13.30 -13.01
N VAL A 424 -7.13 -13.28 -12.74
CA VAL A 424 -6.57 -13.36 -11.37
C VAL A 424 -5.85 -12.07 -10.99
N ALA A 425 -6.17 -11.56 -9.81
CA ALA A 425 -5.30 -10.59 -9.12
C ALA A 425 -4.92 -11.20 -7.77
N SER A 426 -3.69 -10.91 -7.32
CA SER A 426 -3.02 -11.50 -6.12
C SER A 426 -2.57 -10.36 -5.21
N GLY A 427 -2.40 -10.66 -3.92
CA GLY A 427 -1.84 -9.71 -2.95
C GLY A 427 -0.34 -9.88 -2.83
N SER A 428 0.24 -10.81 -3.59
CA SER A 428 1.68 -11.22 -3.59
C SER A 428 2.16 -11.44 -5.04
N PRO A 429 3.47 -11.29 -5.34
CA PRO A 429 3.97 -11.59 -6.68
C PRO A 429 3.98 -13.11 -6.87
N PHE A 430 3.60 -13.60 -8.06
CA PHE A 430 3.66 -15.03 -8.44
C PHE A 430 4.27 -15.16 -9.82
N PRO A 431 5.08 -16.23 -10.07
CA PRO A 431 5.64 -16.44 -11.40
C PRO A 431 4.55 -16.84 -12.40
N PRO A 432 4.84 -16.70 -13.71
CA PRO A 432 3.87 -17.04 -14.74
C PRO A 432 3.59 -18.54 -14.73
N THR A 433 2.38 -18.91 -15.15
CA THR A 433 1.91 -20.29 -15.43
C THR A 433 1.69 -20.41 -16.95
N THR A 434 2.17 -21.50 -17.53
CA THR A 434 2.04 -21.83 -18.96
C THR A 434 1.10 -23.04 -19.07
N ILE A 435 0.13 -22.96 -19.97
CA ILE A 435 -0.88 -24.02 -20.21
C ILE A 435 -1.07 -24.14 -21.72
N GLY A 436 -0.76 -25.30 -22.29
CA GLY A 436 -0.81 -25.51 -23.76
C GLY A 436 -0.06 -24.43 -24.51
N GLY A 437 1.19 -24.15 -24.11
CA GLY A 437 2.05 -23.13 -24.76
C GLY A 437 1.61 -21.68 -24.50
N LYS A 438 0.50 -21.45 -23.78
CA LYS A 438 -0.04 -20.08 -23.53
C LYS A 438 0.29 -19.65 -22.09
N THR A 439 0.77 -18.42 -21.93
CA THR A 439 1.30 -17.96 -20.62
C THR A 439 0.28 -17.02 -19.94
N PHE A 440 0.16 -17.21 -18.63
CA PHE A 440 -0.76 -16.50 -17.71
C PHE A 440 0.09 -16.04 -16.53
N LYS A 441 -0.18 -14.81 -16.09
CA LYS A 441 0.48 -14.24 -14.90
C LYS A 441 -0.57 -13.43 -14.14
N PRO A 442 -0.70 -13.62 -12.82
CA PRO A 442 -1.64 -12.82 -12.05
C PRO A 442 -1.16 -11.36 -12.04
N SER A 443 -2.10 -10.43 -11.99
CA SER A 443 -1.84 -9.00 -11.75
C SER A 443 -1.79 -8.79 -10.23
N GLN A 444 -0.67 -8.29 -9.72
CA GLN A 444 -0.49 -8.01 -8.27
C GLN A 444 -1.13 -6.65 -7.97
N GLY A 445 -2.14 -6.58 -7.13
CA GLY A 445 -2.66 -5.29 -6.61
C GLY A 445 -1.75 -4.69 -5.53
N ASN A 446 -0.50 -4.28 -5.85
CA ASN A 446 0.40 -3.74 -4.80
C ASN A 446 -0.11 -2.33 -4.44
N ASN A 447 -0.10 -2.02 -3.14
CA ASN A 447 -0.45 -0.70 -2.55
C ASN A 447 0.41 0.39 -3.15
N LEU A 448 1.60 0.06 -3.66
CA LEU A 448 2.55 1.04 -4.28
C LEU A 448 1.88 1.79 -5.46
N TYR A 449 0.86 1.21 -6.08
CA TYR A 449 0.19 1.87 -7.24
C TYR A 449 -0.48 3.20 -6.80
N VAL A 450 -0.85 3.38 -5.53
CA VAL A 450 -1.77 4.47 -5.13
C VAL A 450 -1.18 5.43 -4.09
N PHE A 451 -0.69 4.93 -2.95
CA PHE A 451 -0.21 5.84 -1.86
C PHE A 451 0.83 6.84 -2.38
N PRO A 452 1.88 6.49 -3.18
CA PRO A 452 2.89 7.50 -3.54
C PRO A 452 2.29 8.68 -4.32
N GLY A 453 1.46 8.37 -5.32
CA GLY A 453 0.71 9.36 -6.12
C GLY A 453 -0.23 10.21 -5.27
N VAL A 454 -0.91 9.61 -4.30
CA VAL A 454 -1.75 10.41 -3.35
C VAL A 454 -0.83 11.37 -2.56
N GLY A 455 0.29 10.84 -2.06
CA GLY A 455 1.27 11.66 -1.30
C GLY A 455 1.80 12.80 -2.14
N LEU A 456 2.23 12.52 -3.37
CA LEU A 456 2.77 13.55 -4.29
C LEU A 456 1.68 14.56 -4.65
N GLY A 457 0.45 14.12 -4.94
CA GLY A 457 -0.68 15.02 -5.24
C GLY A 457 -1.01 15.92 -4.07
N CYS A 458 -1.08 15.37 -2.85
CA CYS A 458 -1.40 16.12 -1.62
C CYS A 458 -0.21 17.03 -1.25
N ALA A 459 1.04 16.65 -1.54
CA ALA A 459 2.25 17.49 -1.33
C ALA A 459 2.19 18.73 -2.22
N LEU A 460 1.81 18.58 -3.50
CA LEU A 460 1.76 19.74 -4.41
C LEU A 460 0.53 20.60 -4.12
N ALA A 461 -0.66 19.98 -4.03
CA ALA A 461 -1.96 20.68 -4.04
C ALA A 461 -2.19 21.34 -2.69
N GLN A 462 -1.61 20.76 -1.64
CA GLN A 462 -1.71 21.23 -0.24
C GLN A 462 -3.19 21.33 0.10
N PRO A 463 -3.99 20.24 -0.03
CA PRO A 463 -5.41 20.31 0.29
C PRO A 463 -5.64 20.46 1.81
N THR A 464 -6.74 21.08 2.23
CA THR A 464 -7.02 21.30 3.67
C THR A 464 -7.16 19.91 4.32
N HIS A 465 -7.63 18.93 3.54
CA HIS A 465 -7.86 17.54 4.02
C HIS A 465 -7.89 16.60 2.81
N ILE A 466 -8.04 15.30 3.05
CA ILE A 466 -8.07 14.25 1.99
C ILE A 466 -9.43 13.55 2.11
N PRO A 467 -10.50 14.12 1.48
CA PRO A 467 -11.81 13.50 1.52
C PRO A 467 -11.80 12.29 0.59
N GLU A 468 -12.80 11.43 0.71
CA GLU A 468 -12.89 10.14 -0.04
C GLU A 468 -12.87 10.43 -1.55
N GLU A 469 -13.38 11.58 -2.01
CA GLU A 469 -13.27 11.99 -3.44
C GLU A 469 -11.84 11.80 -3.95
N LEU A 470 -10.81 12.14 -3.16
CA LEU A 470 -9.42 12.13 -3.70
C LEU A 470 -8.95 10.68 -3.86
N LEU A 471 -9.32 9.77 -2.93
CA LEU A 471 -8.97 8.32 -3.04
C LEU A 471 -9.71 7.72 -4.26
N LEU A 472 -11.00 8.02 -4.40
CA LEU A 472 -11.80 7.54 -5.58
C LEU A 472 -11.20 8.00 -6.91
N THR A 473 -10.81 9.27 -7.00
CA THR A 473 -10.09 9.82 -8.18
C THR A 473 -8.82 9.00 -8.45
N ALA A 474 -8.07 8.63 -7.41
CA ALA A 474 -6.77 7.93 -7.54
C ALA A 474 -7.03 6.51 -8.08
N SER A 475 -8.09 5.89 -7.58
CA SER A 475 -8.57 4.54 -7.99
C SER A 475 -8.94 4.57 -9.49
N GLU A 476 -9.73 5.57 -9.88
CA GLU A 476 -10.18 5.68 -11.30
C GLU A 476 -8.94 5.96 -12.17
N SER A 477 -8.07 6.88 -11.74
CA SER A 477 -6.82 7.23 -12.45
C SER A 477 -6.03 5.95 -12.75
N LEU A 478 -5.83 5.14 -11.73
CA LEU A 478 -5.04 3.90 -11.86
C LEU A 478 -5.69 2.98 -12.89
N ASN A 479 -6.99 2.78 -12.79
CA ASN A 479 -7.80 1.93 -13.69
C ASN A 479 -7.56 2.37 -15.13
N LEU A 480 -7.65 3.67 -15.36
CA LEU A 480 -7.55 4.25 -16.73
C LEU A 480 -6.12 4.15 -17.27
N LEU A 481 -5.10 3.91 -16.44
CA LEU A 481 -3.70 3.93 -16.95
C LEU A 481 -3.39 2.57 -17.56
N THR A 482 -4.24 1.56 -17.32
CA THR A 482 -4.08 0.22 -17.96
C THR A 482 -4.47 0.33 -19.44
N THR A 483 -3.50 0.20 -20.32
CA THR A 483 -3.66 0.58 -21.75
C THR A 483 -4.40 -0.56 -22.45
N GLU A 484 -4.99 -0.26 -23.61
CA GLU A 484 -5.64 -1.27 -24.47
C GLU A 484 -4.67 -2.45 -24.64
N GLY A 485 -3.39 -2.18 -24.86
CA GLY A 485 -2.36 -3.25 -25.04
C GLY A 485 -2.19 -4.08 -23.77
N ASP A 486 -1.89 -3.43 -22.63
CA ASP A 486 -1.84 -4.11 -21.30
C ASP A 486 -3.09 -5.04 -21.20
N LEU A 487 -4.29 -4.50 -21.41
CA LEU A 487 -5.59 -5.24 -21.28
C LEU A 487 -5.65 -6.42 -22.25
N ARG A 488 -5.18 -6.24 -23.49
CA ARG A 488 -5.12 -7.33 -24.49
C ARG A 488 -4.22 -8.46 -23.95
N GLU A 489 -3.14 -8.17 -23.23
CA GLU A 489 -2.25 -9.21 -22.63
C GLU A 489 -2.80 -9.73 -21.27
N GLY A 490 -4.02 -9.35 -20.85
CA GLY A 490 -4.65 -9.83 -19.58
C GLY A 490 -4.15 -9.09 -18.33
N ARG A 491 -3.50 -7.91 -18.46
CA ARG A 491 -2.99 -7.17 -17.28
C ARG A 491 -4.11 -6.28 -16.75
N LEU A 492 -4.25 -6.16 -15.45
CA LEU A 492 -5.35 -5.42 -14.80
C LEU A 492 -4.82 -4.04 -14.36
N TYR A 493 -3.51 -3.88 -14.29
CA TYR A 493 -2.83 -2.65 -13.84
C TYR A 493 -1.73 -2.27 -14.81
N PRO A 494 -1.37 -0.98 -14.87
CA PRO A 494 -0.17 -0.58 -15.58
C PRO A 494 1.01 -1.27 -14.93
N PRO A 495 2.13 -1.45 -15.65
CA PRO A 495 3.28 -2.19 -15.13
C PRO A 495 3.94 -1.52 -13.91
N LEU A 496 4.30 -2.30 -12.90
CA LEU A 496 4.84 -1.78 -11.63
C LEU A 496 6.09 -0.93 -11.90
N GLU A 497 6.92 -1.35 -12.84
CA GLU A 497 8.23 -0.72 -13.08
C GLU A 497 8.05 0.68 -13.67
N ASP A 498 6.83 1.05 -14.11
CA ASP A 498 6.48 2.39 -14.64
C ASP A 498 5.92 3.26 -13.52
N ILE A 499 6.38 3.04 -12.30
CA ILE A 499 5.72 3.65 -11.10
C ILE A 499 5.83 5.18 -11.17
N HIS A 500 6.92 5.76 -11.64
CA HIS A 500 7.04 7.24 -11.67
C HIS A 500 5.91 7.86 -12.53
N ASN A 501 5.73 7.36 -13.74
CA ASN A 501 4.64 7.77 -14.65
C ASN A 501 3.28 7.53 -13.95
N ILE A 502 3.05 6.34 -13.37
CA ILE A 502 1.76 6.02 -12.68
C ILE A 502 1.52 7.07 -11.59
N SER A 503 2.50 7.25 -10.69
CA SER A 503 2.42 8.27 -9.62
C SER A 503 2.17 9.67 -10.19
N ALA A 504 2.87 10.07 -11.24
CA ALA A 504 2.69 11.41 -11.86
C ALA A 504 1.21 11.57 -12.28
N ASN A 505 0.65 10.57 -12.92
CA ASN A 505 -0.76 10.60 -13.43
C ASN A 505 -1.72 10.63 -12.23
N VAL A 506 -1.52 9.74 -11.26
CA VAL A 506 -2.42 9.61 -10.07
C VAL A 506 -2.45 10.96 -9.35
N ALA A 507 -1.28 11.56 -9.24
CA ALA A 507 -1.06 12.83 -8.53
C ALA A 507 -1.79 13.94 -9.30
N THR A 508 -1.60 13.99 -10.60
CA THR A 508 -2.28 15.00 -11.45
C THR A 508 -3.80 14.95 -11.24
N ASP A 509 -4.35 13.74 -11.31
CA ASP A 509 -5.80 13.49 -11.16
C ASP A 509 -6.27 13.88 -9.75
N VAL A 510 -5.50 13.56 -8.69
CA VAL A 510 -5.81 13.99 -7.31
C VAL A 510 -5.81 15.51 -7.20
N ILE A 511 -4.83 16.20 -7.78
CA ILE A 511 -4.75 17.69 -7.69
C ILE A 511 -6.00 18.29 -8.35
N LEU A 512 -6.31 17.86 -9.58
CA LEU A 512 -7.47 18.38 -10.34
C LEU A 512 -8.74 18.19 -9.49
N GLU A 513 -8.87 17.08 -8.77
CA GLU A 513 -10.07 16.84 -7.93
C GLU A 513 -10.05 17.85 -6.77
N ALA A 514 -8.89 18.06 -6.15
CA ALA A 514 -8.77 19.02 -5.04
C ALA A 514 -9.11 20.43 -5.56
N GLN A 515 -8.62 20.79 -6.75
CA GLN A 515 -8.95 22.11 -7.38
C GLN A 515 -10.47 22.23 -7.60
N ARG A 516 -11.11 21.19 -8.15
CA ARG A 516 -12.57 21.16 -8.39
C ARG A 516 -13.35 21.45 -7.11
N MET A 517 -12.89 20.90 -5.98
CA MET A 517 -13.57 20.94 -4.64
C MET A 517 -13.17 22.22 -3.91
N LYS A 518 -12.14 22.91 -4.43
CA LYS A 518 -11.60 24.20 -3.89
C LYS A 518 -11.01 23.98 -2.49
N ILE A 519 -10.29 22.87 -2.29
CA ILE A 519 -9.64 22.58 -0.98
C ILE A 519 -8.12 22.71 -1.14
N ASP A 520 -7.66 23.05 -2.34
CA ASP A 520 -6.22 23.15 -2.70
C ASP A 520 -5.68 24.48 -2.20
N ASN A 521 -4.52 24.51 -1.56
CA ASN A 521 -3.96 25.76 -0.98
C ASN A 521 -2.82 26.29 -1.86
N ASN A 522 -2.35 25.50 -2.83
CA ASN A 522 -1.21 25.90 -3.73
C ASN A 522 -1.75 26.42 -5.07
N LYS A 523 -1.73 27.77 -5.23
CA LYS A 523 -2.32 28.50 -6.39
C LYS A 523 -1.30 28.58 -7.54
N LYS A 524 -0.12 27.98 -7.39
CA LYS A 524 0.94 28.02 -8.45
C LYS A 524 0.72 26.95 -9.52
N LEU A 525 -0.15 25.97 -9.26
CA LEU A 525 -0.21 24.76 -10.11
C LEU A 525 -1.01 25.05 -11.37
N PRO A 526 -0.64 24.48 -12.53
CA PRO A 526 -1.53 24.46 -13.68
C PRO A 526 -2.87 23.83 -13.27
N ARG A 527 -3.97 24.13 -13.98
CA ARG A 527 -5.34 23.62 -13.65
C ARG A 527 -5.95 22.83 -14.81
N THR A 528 -5.16 22.57 -15.86
CA THR A 528 -5.49 21.70 -17.04
C THR A 528 -4.53 20.51 -17.04
N ARG A 529 -5.03 19.33 -17.41
CA ARG A 529 -4.38 18.04 -17.13
C ARG A 529 -3.03 17.94 -17.85
N ASP A 530 -2.96 18.21 -19.16
CA ASP A 530 -1.69 18.10 -19.93
C ASP A 530 -0.57 18.89 -19.25
N GLU A 531 -0.81 20.16 -18.96
CA GLU A 531 0.22 21.10 -18.43
C GLU A 531 0.54 20.68 -16.99
N LEU A 532 -0.47 20.23 -16.25
CA LEU A 532 -0.29 19.80 -14.83
C LEU A 532 0.60 18.56 -14.83
N LEU A 533 0.28 17.57 -15.65
CA LEU A 533 1.05 16.31 -15.70
C LEU A 533 2.53 16.66 -15.96
N ALA A 534 2.84 17.48 -16.96
CA ALA A 534 4.22 17.91 -17.29
C ALA A 534 4.85 18.52 -16.03
N PHE A 535 4.11 19.36 -15.31
CA PHE A 535 4.62 20.08 -14.11
C PHE A 535 4.94 19.10 -12.96
N VAL A 536 4.03 18.17 -12.72
CA VAL A 536 4.17 17.12 -11.68
C VAL A 536 5.41 16.27 -11.98
N LYS A 537 5.62 15.88 -13.23
CA LYS A 537 6.78 15.01 -13.58
C LYS A 537 8.10 15.75 -13.28
N LYS A 538 8.16 17.04 -13.61
CA LYS A 538 9.33 17.92 -13.34
C LYS A 538 9.55 18.07 -11.83
N ALA A 539 8.51 18.03 -11.00
CA ALA A 539 8.64 18.25 -9.53
C ALA A 539 9.21 17.02 -8.82
N MET A 540 9.12 15.85 -9.43
CA MET A 540 9.50 14.56 -8.79
C MET A 540 11.03 14.48 -8.64
N TRP A 541 11.50 14.06 -7.48
CA TRP A 541 12.93 13.83 -7.24
C TRP A 541 13.28 12.54 -7.98
N LYS A 542 14.39 12.53 -8.73
CA LYS A 542 14.82 11.38 -9.56
C LYS A 542 16.13 10.88 -8.98
N PRO A 543 16.33 9.56 -8.89
CA PRO A 543 17.57 9.02 -8.39
C PRO A 543 18.65 9.02 -9.49
N VAL A 544 19.12 10.21 -9.83
CA VAL A 544 20.20 10.40 -10.83
C VAL A 544 21.16 11.44 -10.22
N TYR A 545 22.44 11.40 -10.60
CA TYR A 545 23.47 12.36 -10.07
C TYR A 545 23.18 13.74 -10.65
N SER A 546 22.86 14.70 -9.78
CA SER A 546 22.35 16.06 -10.15
C SER A 546 23.41 17.14 -9.91
N GLY A 547 24.00 17.18 -8.70
CA GLY A 547 25.07 18.13 -8.29
C GLY A 547 24.74 18.81 -6.98
#